data_5XJ9
#
_entry.id   5XJ9
#
_cell.length_a   58.339
_cell.length_b   97.986
_cell.length_c   83.308
_cell.angle_alpha   90.00
_cell.angle_beta   90.00
_cell.angle_gamma   90.00
#
_symmetry.space_group_name_H-M   'C 2 2 21'
#
loop_
_entity.id
_entity.type
_entity.pdbx_description
1 polymer 'Glycerol-3-phosphate acyltransferase'
2 non-polymer 'PHOSPHATE ION'
3 non-polymer (2S)-2,3-DIHYDROXYPROPYL(7Z)-PENTADEC-7-ENOATE
4 water water
#
_entity_poly.entity_id   1
_entity_poly.type   'polypeptide(L)'
_entity_poly.pdbx_seq_one_letter_code
;(FME)GSALFLVIFAYLLGSITFGEVIAKLKGVDLRNVGSGNVGATNVTRALGKKYGVLVFFLDFLKGFIPALIAVKSFG
IDSWVLTFTGLASVLGHMYPVFFGFKGGKGVATALGVVFAVSPSVALFSFLVWLGIFLWKRYVSLASITATISAFLFLFV
AGYPVNVLFMAIVIGALIIYRHRENINRLLTGREHRFGTLEVLFQ
;
_entity_poly.pdbx_strand_id   A
#
loop_
_chem_comp.id
_chem_comp.type
_chem_comp.name
_chem_comp.formula
78M non-polymer (2S)-2,3-DIHYDROXYPROPYL(7Z)-PENTADEC-7-ENOATE 'C18 H34 O4'
PO4 non-polymer 'PHOSPHATE ION' 'O4 P -3'
#
# COMPACT_ATOMS: atom_id res chain seq x y z
N GLY A 2 25.13 9.50 5.45
CA GLY A 2 25.68 8.47 6.31
C GLY A 2 24.61 7.68 7.03
N SER A 3 24.12 8.24 8.14
CA SER A 3 22.97 7.61 8.80
C SER A 3 21.76 7.61 7.88
N ALA A 4 21.68 8.57 6.97
CA ALA A 4 20.52 8.68 6.10
C ALA A 4 20.53 7.62 5.01
N LEU A 5 21.70 7.43 4.37
CA LEU A 5 21.83 6.38 3.37
C LEU A 5 21.57 5.01 4.00
N PHE A 6 22.02 4.81 5.24
CA PHE A 6 21.67 3.58 5.96
C PHE A 6 20.15 3.44 6.09
N LEU A 7 19.46 4.55 6.38
CA LEU A 7 18.01 4.51 6.55
C LEU A 7 17.31 4.17 5.25
N VAL A 8 17.81 4.69 4.13
CA VAL A 8 17.16 4.42 2.87
C VAL A 8 17.37 2.97 2.45
N ILE A 9 18.60 2.48 2.58
CA ILE A 9 18.88 1.07 2.30
C ILE A 9 18.05 0.19 3.23
N PHE A 10 18.04 0.52 4.54
CA PHE A 10 17.20 -0.23 5.47
C PHE A 10 15.75 -0.24 5.01
N ALA A 11 15.25 0.91 4.56
CA ALA A 11 13.85 0.98 4.13
C ALA A 11 13.59 0.08 2.93
N TYR A 12 14.52 0.05 1.96
CA TYR A 12 14.33 -0.81 0.80
C TYR A 12 14.41 -2.28 1.17
N LEU A 13 15.34 -2.65 2.05
CA LEU A 13 15.50 -4.05 2.40
C LEU A 13 14.35 -4.54 3.26
N LEU A 14 13.93 -3.72 4.23
CA LEU A 14 12.73 -4.04 4.99
C LEU A 14 11.51 -4.15 4.07
N GLY A 15 11.35 -3.17 3.18
CA GLY A 15 10.25 -3.24 2.23
C GLY A 15 10.25 -4.51 1.41
N SER A 16 11.45 -5.02 1.07
CA SER A 16 11.65 -6.21 0.24
C SER A 16 11.27 -7.51 0.93
N ILE A 17 10.83 -7.46 2.18
CA ILE A 17 10.34 -8.65 2.87
C ILE A 17 8.86 -8.78 2.53
N THR A 18 8.53 -9.71 1.63
CA THR A 18 7.15 -9.87 1.16
C THR A 18 6.40 -10.71 2.17
N PHE A 19 5.86 -10.04 3.21
CA PHE A 19 5.30 -10.74 4.35
C PHE A 19 4.16 -11.68 3.95
N GLY A 20 3.33 -11.26 2.99
CA GLY A 20 2.24 -12.12 2.55
C GLY A 20 2.74 -13.47 2.07
N GLU A 21 3.80 -13.46 1.23
CA GLU A 21 4.39 -14.70 0.74
C GLU A 21 5.04 -15.50 1.87
N VAL A 22 5.66 -14.81 2.82
CA VAL A 22 6.30 -15.52 3.93
C VAL A 22 5.27 -16.30 4.74
N ILE A 23 4.20 -15.60 5.17
CA ILE A 23 3.19 -16.27 5.99
C ILE A 23 2.47 -17.33 5.19
N ALA A 24 2.20 -17.07 3.91
CA ALA A 24 1.59 -18.10 3.06
C ALA A 24 2.46 -19.35 2.99
N LYS A 25 3.78 -19.17 2.79
CA LYS A 25 4.68 -20.33 2.75
C LYS A 25 4.65 -21.08 4.07
N LEU A 26 4.64 -20.36 5.20
CA LEU A 26 4.50 -21.01 6.49
C LEU A 26 3.23 -21.84 6.57
N LYS A 27 2.15 -21.36 5.98
CA LYS A 27 0.88 -22.10 5.95
C LYS A 27 0.79 -23.09 4.80
N GLY A 28 1.82 -23.23 3.98
CA GLY A 28 1.75 -24.19 2.89
C GLY A 28 0.81 -23.82 1.76
N VAL A 29 0.54 -22.53 1.57
CA VAL A 29 -0.37 -22.05 0.52
C VAL A 29 0.46 -21.23 -0.46
N ASP A 30 0.10 -21.32 -1.75
CA ASP A 30 0.74 -20.54 -2.81
C ASP A 30 -0.23 -19.43 -3.23
N LEU A 31 0.13 -18.18 -2.92
CA LEU A 31 -0.80 -17.07 -3.13
C LEU A 31 -1.06 -16.82 -4.61
N ARG A 32 -0.10 -17.15 -5.47
CA ARG A 32 -0.30 -16.99 -6.91
C ARG A 32 -1.36 -17.93 -7.47
N ASN A 33 -1.76 -18.96 -6.73
CA ASN A 33 -2.78 -19.90 -7.16
C ASN A 33 -4.13 -19.64 -6.52
N VAL A 34 -4.30 -18.52 -5.83
CA VAL A 34 -5.53 -18.19 -5.13
C VAL A 34 -6.00 -16.81 -5.57
N GLY A 35 -7.31 -16.69 -5.82
CA GLY A 35 -7.92 -15.39 -6.01
C GLY A 35 -7.27 -14.60 -7.13
N SER A 36 -6.82 -13.39 -6.79
CA SER A 36 -6.19 -12.52 -7.77
C SER A 36 -4.75 -12.93 -8.07
N GLY A 37 -4.21 -13.92 -7.34
CA GLY A 37 -2.80 -14.21 -7.44
C GLY A 37 -1.84 -13.19 -6.88
N ASN A 38 -2.33 -12.14 -6.21
CA ASN A 38 -1.44 -11.13 -5.63
C ASN A 38 -1.00 -11.53 -4.23
N VAL A 39 -0.03 -10.79 -3.70
CA VAL A 39 0.69 -11.21 -2.50
C VAL A 39 0.49 -10.24 -1.33
N GLY A 40 -0.47 -9.32 -1.42
CA GLY A 40 -0.77 -8.40 -0.35
C GLY A 40 -1.94 -8.86 0.51
N ALA A 41 -2.30 -8.00 1.47
CA ALA A 41 -3.24 -8.39 2.53
C ALA A 41 -4.60 -8.84 1.97
N THR A 42 -5.09 -8.22 0.91
CA THR A 42 -6.40 -8.62 0.41
C THR A 42 -6.39 -10.05 -0.06
N ASN A 43 -5.40 -10.42 -0.87
CA ASN A 43 -5.43 -11.81 -1.33
C ASN A 43 -4.98 -12.77 -0.25
N VAL A 44 -4.24 -12.30 0.76
CA VAL A 44 -3.94 -13.15 1.91
C VAL A 44 -5.23 -13.53 2.63
N THR A 45 -6.14 -12.56 2.79
CA THR A 45 -7.42 -12.86 3.43
C THR A 45 -8.16 -13.97 2.69
N ARG A 46 -8.18 -13.91 1.35
CA ARG A 46 -8.84 -14.94 0.56
C ARG A 46 -8.20 -16.29 0.78
N ALA A 47 -6.88 -16.34 0.91
CA ALA A 47 -6.20 -17.62 0.98
C ALA A 47 -6.11 -18.17 2.38
N LEU A 48 -6.08 -17.32 3.40
CA LEU A 48 -5.79 -17.76 4.75
C LEU A 48 -6.80 -17.30 5.77
N GLY A 49 -7.73 -16.43 5.42
CA GLY A 49 -8.69 -15.91 6.37
C GLY A 49 -8.33 -14.53 6.87
N LYS A 50 -9.33 -13.90 7.50
CA LYS A 50 -9.24 -12.49 7.87
C LYS A 50 -8.13 -12.26 8.88
N LYS A 51 -7.94 -13.21 9.80
CA LYS A 51 -6.89 -13.07 10.81
C LYS A 51 -5.56 -12.78 10.16
N TYR A 52 -5.16 -13.60 9.21
CA TYR A 52 -3.86 -13.46 8.58
C TYR A 52 -3.80 -12.27 7.62
N GLY A 53 -4.93 -11.91 7.00
CA GLY A 53 -4.94 -10.71 6.17
C GLY A 53 -4.71 -9.44 6.97
N VAL A 54 -5.36 -9.33 8.14
CA VAL A 54 -5.15 -8.17 8.98
C VAL A 54 -3.72 -8.13 9.48
N LEU A 55 -3.15 -9.29 9.83
CA LEU A 55 -1.75 -9.32 10.25
C LEU A 55 -0.84 -8.81 9.14
N VAL A 56 -1.07 -9.28 7.91
CA VAL A 56 -0.22 -8.86 6.78
C VAL A 56 -0.47 -7.39 6.47
N PHE A 57 -1.71 -6.92 6.64
CA PHE A 57 -1.94 -5.49 6.48
C PHE A 57 -1.06 -4.71 7.44
N PHE A 58 -1.02 -5.11 8.70
CA PHE A 58 -0.29 -4.31 9.67
C PHE A 58 1.21 -4.40 9.46
N LEU A 59 1.71 -5.56 9.05
CA LEU A 59 3.12 -5.69 8.75
C LEU A 59 3.50 -4.85 7.52
N ASP A 60 2.71 -4.92 6.46
CA ASP A 60 3.02 -4.11 5.30
C ASP A 60 2.87 -2.63 5.60
N PHE A 61 1.93 -2.27 6.47
CA PHE A 61 1.81 -0.89 6.92
C PHE A 61 3.08 -0.46 7.66
N LEU A 62 3.57 -1.29 8.58
CA LEU A 62 4.74 -0.92 9.38
C LEU A 62 6.01 -0.83 8.55
N LYS A 63 6.10 -1.61 7.47
CA LYS A 63 7.22 -1.48 6.53
C LYS A 63 7.36 -0.04 6.01
N GLY A 64 6.25 0.67 5.87
CA GLY A 64 6.30 2.03 5.38
C GLY A 64 6.31 3.03 6.51
N PHE A 65 5.56 2.75 7.58
CA PHE A 65 5.44 3.68 8.70
C PHE A 65 6.75 3.83 9.47
N ILE A 66 7.42 2.72 9.75
CA ILE A 66 8.52 2.76 10.72
C ILE A 66 9.72 3.51 10.13
N PRO A 67 10.22 3.18 8.93
CA PRO A 67 11.31 4.00 8.39
C PRO A 67 10.91 5.45 8.12
N ALA A 68 9.71 5.69 7.60
CA ALA A 68 9.30 7.08 7.36
C ALA A 68 9.20 7.86 8.67
N LEU A 69 8.72 7.22 9.74
CA LEU A 69 8.67 7.89 11.04
C LEU A 69 10.06 8.31 11.49
N ILE A 70 11.04 7.43 11.29
CA ILE A 70 12.41 7.75 11.67
C ILE A 70 12.94 8.91 10.81
N ALA A 71 12.62 8.90 9.51
CA ALA A 71 13.03 10.02 8.67
C ALA A 71 12.39 11.32 9.14
N VAL A 72 11.09 11.28 9.46
CA VAL A 72 10.37 12.47 9.92
C VAL A 72 11.00 13.03 11.19
N LYS A 73 11.25 12.17 12.18
CA LYS A 73 11.77 12.65 13.46
C LYS A 73 13.25 13.02 13.39
N SER A 74 14.01 12.40 12.48
CA SER A 74 15.45 12.62 12.43
C SER A 74 15.87 13.71 11.45
N PHE A 75 15.13 13.90 10.35
CA PHE A 75 15.55 14.83 9.31
C PHE A 75 14.47 15.86 9.00
N GLY A 76 13.22 15.52 9.27
CA GLY A 76 12.12 16.45 9.05
C GLY A 76 11.25 16.03 7.88
N ILE A 77 9.97 16.42 7.93
CA ILE A 77 9.06 16.12 6.84
C ILE A 77 9.54 16.77 5.54
N ASP A 78 10.22 17.90 5.65
CA ASP A 78 10.62 18.63 4.45
C ASP A 78 11.98 18.19 3.92
N SER A 79 12.52 17.10 4.44
CA SER A 79 13.80 16.56 4.00
C SER A 79 13.60 15.57 2.86
N TRP A 80 14.48 15.67 1.86
CA TRP A 80 14.46 14.63 0.84
C TRP A 80 14.87 13.27 1.40
N VAL A 81 15.38 13.19 2.63
CA VAL A 81 15.60 11.88 3.23
C VAL A 81 14.26 11.19 3.47
N LEU A 82 13.24 11.94 3.86
CA LEU A 82 11.88 11.36 3.95
C LEU A 82 11.43 10.87 2.58
N THR A 83 11.57 11.72 1.56
CA THR A 83 11.21 11.36 0.19
C THR A 83 11.84 10.02 -0.21
N PHE A 84 13.13 9.85 0.02
CA PHE A 84 13.82 8.64 -0.44
C PHE A 84 13.51 7.44 0.43
N THR A 85 13.32 7.66 1.73
CA THR A 85 12.94 6.57 2.63
C THR A 85 11.54 6.06 2.31
N GLY A 86 10.59 6.98 2.07
CA GLY A 86 9.26 6.57 1.69
C GLY A 86 9.24 5.84 0.36
N LEU A 87 9.94 6.39 -0.63
CA LEU A 87 10.06 5.70 -1.91
C LEU A 87 10.73 4.34 -1.75
N ALA A 88 11.82 4.26 -0.97
CA ALA A 88 12.52 2.98 -0.83
C ALA A 88 11.61 1.93 -0.22
N SER A 89 10.77 2.31 0.74
CA SER A 89 9.87 1.35 1.37
C SER A 89 8.90 0.77 0.35
N VAL A 90 8.24 1.65 -0.40
CA VAL A 90 7.25 1.22 -1.37
C VAL A 90 7.91 0.47 -2.52
N LEU A 91 9.08 0.94 -2.97
CA LEU A 91 9.80 0.27 -4.06
C LEU A 91 10.27 -1.10 -3.63
N GLY A 92 10.74 -1.25 -2.38
CA GLY A 92 11.02 -2.58 -1.86
C GLY A 92 9.79 -3.48 -1.80
N HIS A 93 8.64 -2.91 -1.44
CA HIS A 93 7.44 -3.75 -1.37
C HIS A 93 7.01 -4.21 -2.76
N MET A 94 7.16 -3.33 -3.76
CA MET A 94 6.76 -3.62 -5.13
C MET A 94 7.78 -4.49 -5.84
N TYR A 95 9.07 -4.24 -5.60
CA TYR A 95 10.17 -4.90 -6.29
C TYR A 95 11.14 -5.48 -5.26
N PRO A 96 10.73 -6.54 -4.56
CA PRO A 96 11.52 -7.04 -3.42
C PRO A 96 12.75 -7.82 -3.90
N VAL A 97 13.92 -7.38 -3.44
CA VAL A 97 15.19 -8.01 -3.80
C VAL A 97 15.21 -9.48 -3.38
N PHE A 98 14.52 -9.83 -2.30
CA PHE A 98 14.52 -11.20 -1.78
C PHE A 98 13.47 -12.10 -2.44
N PHE A 99 12.61 -11.57 -3.31
CA PHE A 99 11.54 -12.39 -3.87
C PHE A 99 11.41 -12.16 -5.36
N GLY A 100 12.56 -12.18 -6.06
CA GLY A 100 12.61 -12.05 -7.50
C GLY A 100 12.09 -10.73 -8.05
N PHE A 101 12.03 -9.69 -7.22
CA PHE A 101 11.48 -8.38 -7.59
C PHE A 101 10.01 -8.44 -7.97
N LYS A 102 9.29 -9.46 -7.50
CA LYS A 102 7.85 -9.61 -7.75
C LYS A 102 7.11 -9.38 -6.43
N GLY A 103 6.61 -8.16 -6.24
CA GLY A 103 5.99 -7.84 -4.98
C GLY A 103 4.51 -7.48 -5.05
N GLY A 104 4.06 -6.72 -4.04
CA GLY A 104 2.69 -6.26 -3.96
C GLY A 104 2.51 -4.92 -4.66
N LYS A 105 1.34 -4.31 -4.42
CA LYS A 105 0.98 -3.08 -5.10
C LYS A 105 1.23 -1.82 -4.28
N GLY A 106 1.52 -1.94 -2.98
CA GLY A 106 2.01 -0.80 -2.23
C GLY A 106 0.97 0.01 -1.44
N VAL A 107 -0.29 -0.42 -1.40
CA VAL A 107 -1.33 0.38 -0.76
C VAL A 107 -1.06 0.53 0.74
N ALA A 108 -0.94 -0.60 1.45
CA ALA A 108 -0.75 -0.57 2.90
C ALA A 108 0.58 0.11 3.26
N THR A 109 1.66 -0.24 2.56
CA THR A 109 2.95 0.38 2.81
C THR A 109 2.89 1.87 2.58
N ALA A 110 2.30 2.29 1.46
CA ALA A 110 2.19 3.71 1.18
C ALA A 110 1.33 4.43 2.23
N LEU A 111 0.25 3.79 2.68
CA LEU A 111 -0.52 4.38 3.78
C LEU A 111 0.35 4.59 5.01
N GLY A 112 1.19 3.60 5.33
CA GLY A 112 2.12 3.77 6.43
C GLY A 112 3.02 4.99 6.26
N VAL A 113 3.59 5.16 5.06
CA VAL A 113 4.41 6.35 4.82
C VAL A 113 3.59 7.61 5.06
N VAL A 114 2.38 7.66 4.52
CA VAL A 114 1.57 8.87 4.66
C VAL A 114 1.20 9.12 6.12
N PHE A 115 0.92 8.06 6.87
CA PHE A 115 0.57 8.21 8.27
C PHE A 115 1.72 8.84 9.07
N ALA A 116 2.96 8.47 8.73
CA ALA A 116 4.12 9.05 9.39
C ALA A 116 4.24 10.53 9.09
N VAL A 117 3.86 10.95 7.88
CA VAL A 117 3.92 12.36 7.52
C VAL A 117 2.76 13.12 8.12
N SER A 118 1.55 12.57 8.04
CA SER A 118 0.32 13.23 8.42
C SER A 118 -0.76 12.21 8.75
N PRO A 119 -0.98 11.93 10.03
CA PRO A 119 -2.12 11.05 10.39
C PRO A 119 -3.45 11.56 9.85
N SER A 120 -3.66 12.87 9.77
CA SER A 120 -4.92 13.40 9.24
CA SER A 120 -4.91 13.41 9.23
C SER A 120 -5.06 13.06 7.75
N VAL A 121 -4.04 13.30 6.94
CA VAL A 121 -4.15 12.93 5.53
C VAL A 121 -4.37 11.43 5.38
N ALA A 122 -3.66 10.63 6.19
CA ALA A 122 -3.89 9.19 6.14
C ALA A 122 -5.33 8.85 6.45
N LEU A 123 -5.90 9.51 7.47
CA LEU A 123 -7.30 9.28 7.83
C LEU A 123 -8.24 9.70 6.70
N PHE A 124 -8.03 10.90 6.15
CA PHE A 124 -8.90 11.35 5.06
C PHE A 124 -8.85 10.40 3.89
N SER A 125 -7.65 9.95 3.51
CA SER A 125 -7.52 9.03 2.38
C SER A 125 -8.22 7.72 2.67
N PHE A 126 -8.08 7.22 3.89
CA PHE A 126 -8.80 6.01 4.27
C PHE A 126 -10.31 6.23 4.29
N LEU A 127 -10.76 7.43 4.67
CA LEU A 127 -12.18 7.74 4.58
CA LEU A 127 -12.18 7.73 4.59
C LEU A 127 -12.68 7.67 3.15
N VAL A 128 -11.91 8.22 2.19
CA VAL A 128 -12.24 8.10 0.78
C VAL A 128 -12.31 6.63 0.39
N TRP A 129 -11.32 5.85 0.81
CA TRP A 129 -11.32 4.42 0.54
C TRP A 129 -12.59 3.76 1.05
N LEU A 130 -12.96 4.03 2.31
CA LEU A 130 -14.18 3.45 2.89
C LEU A 130 -15.41 3.73 2.04
N GLY A 131 -15.60 5.00 1.69
CA GLY A 131 -16.76 5.35 0.88
C GLY A 131 -16.79 4.62 -0.44
N ILE A 132 -15.65 4.60 -1.14
CA ILE A 132 -15.64 3.96 -2.45
C ILE A 132 -15.81 2.46 -2.30
N PHE A 133 -15.23 1.87 -1.25
CA PHE A 133 -15.39 0.43 -1.09
C PHE A 133 -16.82 0.07 -0.69
N LEU A 134 -17.42 0.82 0.24
CA LEU A 134 -18.79 0.48 0.65
C LEU A 134 -19.77 0.70 -0.49
N TRP A 135 -19.48 1.66 -1.37
CA TRP A 135 -20.30 1.94 -2.54
C TRP A 135 -20.24 0.79 -3.56
N LYS A 136 -19.04 0.48 -4.06
CA LYS A 136 -18.88 -0.41 -5.20
C LYS A 136 -18.35 -1.78 -4.86
N ARG A 137 -17.78 -1.98 -3.66
CA ARG A 137 -17.37 -3.28 -3.15
C ARG A 137 -16.19 -3.86 -3.92
N TYR A 138 -15.36 -2.98 -4.51
CA TYR A 138 -14.10 -3.35 -5.16
C TYR A 138 -12.95 -2.73 -4.38
N VAL A 139 -12.06 -3.57 -3.86
CA VAL A 139 -10.87 -3.07 -3.19
C VAL A 139 -10.04 -2.22 -4.15
N SER A 140 -9.78 -2.74 -5.35
CA SER A 140 -8.96 -2.03 -6.32
C SER A 140 -9.49 -0.62 -6.64
N LEU A 141 -10.79 -0.51 -6.97
CA LEU A 141 -11.34 0.81 -7.28
C LEU A 141 -11.18 1.76 -6.11
N ALA A 142 -11.40 1.26 -4.89
CA ALA A 142 -11.25 2.12 -3.72
C ALA A 142 -9.80 2.57 -3.53
N SER A 143 -8.85 1.64 -3.70
CA SER A 143 -7.44 1.99 -3.49
C SER A 143 -6.95 3.01 -4.52
N ILE A 144 -7.41 2.88 -5.76
CA ILE A 144 -7.02 3.81 -6.81
C ILE A 144 -7.55 5.20 -6.51
N THR A 145 -8.84 5.29 -6.18
CA THR A 145 -9.45 6.59 -5.84
C THR A 145 -8.79 7.18 -4.60
N ALA A 146 -8.56 6.36 -3.57
CA ALA A 146 -7.95 6.89 -2.37
C ALA A 146 -6.52 7.35 -2.62
N THR A 147 -5.81 6.67 -3.53
CA THR A 147 -4.44 7.07 -3.84
C THR A 147 -4.40 8.43 -4.51
N ILE A 148 -5.26 8.63 -5.51
CA ILE A 148 -5.38 9.94 -6.12
C ILE A 148 -5.73 11.00 -5.07
N SER A 149 -6.65 10.67 -4.16
CA SER A 149 -7.09 11.67 -3.18
CA SER A 149 -7.08 11.67 -3.18
C SER A 149 -5.96 12.04 -2.22
N ALA A 150 -5.16 11.04 -1.81
CA ALA A 150 -4.03 11.28 -0.92
C ALA A 150 -3.10 12.35 -1.50
N PHE A 151 -2.82 12.25 -2.79
CA PHE A 151 -1.99 13.27 -3.41
C PHE A 151 -2.67 14.64 -3.41
N LEU A 152 -3.96 14.69 -3.76
CA LEU A 152 -4.66 15.98 -3.71
C LEU A 152 -4.67 16.56 -2.30
N PHE A 153 -4.89 15.71 -1.29
CA PHE A 153 -4.91 16.19 0.08
C PHE A 153 -3.57 16.80 0.48
N LEU A 154 -2.47 16.13 0.14
CA LEU A 154 -1.14 16.63 0.46
C LEU A 154 -0.83 17.89 -0.32
N PHE A 155 -1.24 17.93 -1.60
CA PHE A 155 -1.07 19.13 -2.41
C PHE A 155 -1.82 20.30 -1.78
N VAL A 156 -3.13 20.13 -1.54
CA VAL A 156 -3.97 21.23 -1.07
C VAL A 156 -3.56 21.67 0.33
N ALA A 157 -3.11 20.75 1.17
CA ALA A 157 -2.69 21.12 2.51
C ALA A 157 -1.36 21.86 2.55
N GLY A 158 -0.70 22.06 1.42
CA GLY A 158 0.51 22.85 1.38
C GLY A 158 1.80 22.12 1.74
N TYR A 159 1.85 20.79 1.61
CA TYR A 159 3.09 20.08 1.86
C TYR A 159 4.11 20.42 0.79
N PRO A 160 5.40 20.39 1.11
CA PRO A 160 6.44 20.90 0.22
C PRO A 160 6.74 19.95 -0.94
N VAL A 161 7.61 20.43 -1.84
CA VAL A 161 7.85 19.74 -3.10
C VAL A 161 8.38 18.35 -2.87
N ASN A 162 9.26 18.17 -1.88
CA ASN A 162 9.85 16.85 -1.65
C ASN A 162 8.78 15.83 -1.29
N VAL A 163 7.73 16.26 -0.57
CA VAL A 163 6.63 15.36 -0.22
C VAL A 163 5.75 15.11 -1.44
N LEU A 164 5.52 16.15 -2.24
CA LEU A 164 4.70 15.98 -3.43
C LEU A 164 5.41 15.13 -4.48
N PHE A 165 6.72 15.32 -4.64
CA PHE A 165 7.50 14.39 -5.47
C PHE A 165 7.34 12.96 -4.96
N MET A 166 7.55 12.73 -3.66
CA MET A 166 7.34 11.40 -3.10
C MET A 166 5.96 10.83 -3.45
N ALA A 167 4.92 11.65 -3.27
CA ALA A 167 3.55 11.18 -3.40
C ALA A 167 3.17 10.90 -4.85
N ILE A 168 3.65 11.71 -5.79
N ILE A 168 3.59 11.74 -5.79
CA ILE A 168 3.20 11.49 -7.16
CA ILE A 168 3.27 11.50 -7.20
C ILE A 168 3.92 10.27 -7.77
C ILE A 168 3.88 10.18 -7.65
N VAL A 169 5.16 10.00 -7.36
CA VAL A 169 5.84 8.80 -7.84
C VAL A 169 5.22 7.55 -7.21
N ILE A 170 5.09 7.55 -5.89
CA ILE A 170 4.40 6.45 -5.21
C ILE A 170 3.01 6.24 -5.80
N GLY A 171 2.25 7.33 -5.98
CA GLY A 171 0.88 7.19 -6.45
C GLY A 171 0.82 6.62 -7.85
N ALA A 172 1.62 7.16 -8.77
CA ALA A 172 1.66 6.65 -10.13
C ALA A 172 2.04 5.17 -10.15
N LEU A 173 3.01 4.79 -9.32
CA LEU A 173 3.41 3.39 -9.27
C LEU A 173 2.29 2.51 -8.74
N ILE A 174 1.61 2.94 -7.69
CA ILE A 174 0.50 2.15 -7.16
C ILE A 174 -0.57 1.92 -8.24
N ILE A 175 -0.97 2.99 -8.93
CA ILE A 175 -1.99 2.85 -9.96
C ILE A 175 -1.51 1.92 -11.08
N TYR A 176 -0.25 2.08 -11.51
CA TYR A 176 0.28 1.20 -12.53
C TYR A 176 0.28 -0.25 -12.07
N ARG A 177 0.64 -0.49 -10.80
CA ARG A 177 0.58 -1.85 -10.27
C ARG A 177 -0.84 -2.39 -10.21
N HIS A 178 -1.86 -1.53 -10.34
CA HIS A 178 -3.24 -1.97 -10.38
C HIS A 178 -3.75 -2.17 -11.81
N ARG A 179 -2.85 -2.15 -12.81
CA ARG A 179 -3.38 -2.12 -14.17
C ARG A 179 -4.14 -3.39 -14.51
N GLU A 180 -3.80 -4.52 -13.90
CA GLU A 180 -4.56 -5.73 -14.19
C GLU A 180 -5.94 -5.68 -13.52
N ASN A 181 -6.02 -5.07 -12.33
CA ASN A 181 -7.32 -4.88 -11.71
C ASN A 181 -8.18 -3.97 -12.55
N ILE A 182 -7.55 -2.96 -13.17
CA ILE A 182 -8.30 -2.01 -13.98
C ILE A 182 -8.82 -2.71 -15.23
N ASN A 183 -8.01 -3.58 -15.83
CA ASN A 183 -8.49 -4.34 -16.98
CA ASN A 183 -8.50 -4.31 -16.99
C ASN A 183 -9.66 -5.23 -16.59
N ARG A 184 -9.60 -5.83 -15.40
CA ARG A 184 -10.71 -6.65 -14.93
C ARG A 184 -11.94 -5.79 -14.63
N LEU A 185 -11.75 -4.65 -13.98
CA LEU A 185 -12.85 -3.72 -13.75
C LEU A 185 -13.53 -3.34 -15.06
N LEU A 186 -12.73 -3.00 -16.07
CA LEU A 186 -13.29 -2.56 -17.35
C LEU A 186 -13.97 -3.69 -18.12
N THR A 187 -13.69 -4.96 -17.80
CA THR A 187 -14.27 -6.09 -18.50
C THR A 187 -15.19 -6.90 -17.61
N GLY A 188 -15.50 -6.40 -16.42
CA GLY A 188 -16.47 -7.04 -15.55
C GLY A 188 -16.06 -8.36 -14.94
N ARG A 189 -14.78 -8.57 -14.66
CA ARG A 189 -14.43 -9.79 -13.95
C ARG A 189 -13.44 -9.50 -12.83
N GLU A 190 -13.58 -8.34 -12.20
CA GLU A 190 -12.90 -8.05 -10.96
C GLU A 190 -13.66 -8.66 -9.81
N HIS A 191 -12.93 -9.21 -8.85
CA HIS A 191 -13.56 -9.80 -7.67
C HIS A 191 -14.33 -8.73 -6.91
N ARG A 192 -15.60 -9.01 -6.63
CA ARG A 192 -16.44 -8.09 -5.90
C ARG A 192 -16.87 -8.72 -4.57
N PHE A 193 -16.91 -7.91 -3.51
CA PHE A 193 -17.26 -8.41 -2.19
C PHE A 193 -18.77 -8.32 -1.93
N GLY A 194 -19.31 -9.33 -1.24
CA GLY A 194 -20.50 -9.16 -0.41
C GLY A 194 -21.85 -9.55 -0.99
N THR A 195 -21.91 -10.01 -2.25
CA THR A 195 -23.21 -10.18 -2.89
C THR A 195 -23.97 -11.38 -2.32
N LEU A 196 -23.30 -12.53 -2.18
CA LEU A 196 -23.96 -13.72 -1.66
C LEU A 196 -24.07 -13.74 -0.13
N GLU A 197 -23.22 -12.97 0.57
CA GLU A 197 -23.19 -13.03 2.03
C GLU A 197 -24.51 -12.57 2.66
N VAL A 198 -25.32 -11.79 1.95
CA VAL A 198 -26.58 -11.32 2.53
C VAL A 198 -27.55 -12.47 2.76
N LEU A 199 -27.36 -13.61 2.09
CA LEU A 199 -28.21 -14.77 2.33
C LEU A 199 -27.99 -15.40 3.70
N PHE A 200 -26.88 -15.09 4.38
CA PHE A 200 -26.56 -15.62 5.69
C PHE A 200 -26.69 -14.60 6.82
N GLN A 201 -27.09 -13.37 6.52
CA GLN A 201 -27.20 -12.29 7.52
C GLN A 201 -28.61 -12.19 8.13
P PO4 B . -23.77 -1.98 -8.91
O1 PO4 B . -23.29 -2.82 -10.08
O2 PO4 B . -24.91 -1.09 -9.33
O3 PO4 B . -24.20 -2.90 -7.78
O4 PO4 B . -22.66 -1.09 -8.42
P PO4 C . -0.81 -4.41 -1.59
O1 PO4 C . -0.64 -5.31 -2.80
O2 PO4 C . -1.50 -3.17 -2.10
O3 PO4 C . -1.64 -5.09 -0.54
O4 PO4 C . 0.55 -4.05 -1.06
P PO4 D . -3.44 -7.31 -2.72
O1 PO4 D . -4.13 -8.69 -2.83
O2 PO4 D . -4.25 -6.32 -3.53
O3 PO4 D . -2.02 -7.38 -3.17
O4 PO4 D . -3.48 -6.90 -1.26
P PO4 E . -6.67 -7.87 -5.21
O1 PO4 E . -8.11 -8.21 -5.57
O2 PO4 E . -5.83 -7.58 -6.44
O3 PO4 E . -6.09 -9.04 -4.45
O4 PO4 E . -6.71 -6.62 -4.34
P PO4 F . -4.23 -21.12 12.53
O1 PO4 F . -4.67 -22.30 11.67
O2 PO4 F . -5.18 -19.98 12.30
O3 PO4 F . -4.26 -21.50 13.98
O4 PO4 F . -2.84 -20.70 12.14
O21 78M G . -2.78 -3.04 0.88
C20 78M G . -3.75 -3.43 1.84
C18 78M G . -5.09 -3.70 1.19
O19 78M G . -4.94 -4.68 0.17
C17 78M G . -5.74 -2.46 0.61
O2 78M G . -6.09 -1.57 1.70
C1 78M G . -7.19 -1.85 2.39
O1 78M G . -7.86 -2.83 2.21
C2 78M G . -7.49 -0.81 3.43
C3 78M G . -6.53 0.38 3.47
C4 78M G . -6.82 1.42 2.38
C5 78M G . -5.98 2.68 2.48
C6 78M G . -6.27 3.70 1.40
C7 78M G . -5.59 5.01 1.60
C8 78M G . -4.53 5.42 0.93
C9 78M G . -3.82 4.62 -0.13
C10 78M G . -2.64 5.33 -0.72
C11 78M G . -1.73 5.94 0.31
C12 78M G . -0.51 6.63 -0.25
C13 78M G . -0.78 7.51 -1.45
C15 78M G . 0.15 9.19 -3.06
C14 78M G . 0.44 8.30 -1.89
O21 78M H . -10.87 -6.79 1.49
C20 78M H . -11.66 -5.70 1.92
C18 78M H . -11.91 -5.79 3.41
O19 78M H . -12.72 -6.92 3.71
C17 78M H . -12.59 -4.58 3.94
O2 78M H . -11.53 -3.64 4.26
C1 78M H . -11.17 -3.56 5.54
O1 78M H . -11.27 -4.46 6.33
C2 78M H . -10.67 -2.20 5.87
C3 78M H . -10.73 -1.89 7.36
C4 78M H . -12.15 -1.83 7.91
C5 78M H . -12.19 -1.31 9.35
C6 78M H . -13.35 -0.39 9.65
C7 78M H . -12.92 1.04 9.79
C8 78M H . -13.67 2.07 10.14
C9 78M H . -15.13 2.06 10.48
C10 78M H . -16.02 2.28 9.25
C11 78M H . -17.45 2.71 9.53
C12 78M H . -18.28 2.85 8.27
C13 78M H . -19.20 4.06 8.18
C15 78M H . -21.57 4.79 8.59
C14 78M H . -20.36 4.07 9.15
O21 78M I . -9.00 -8.24 5.27
C20 78M I . -8.00 -7.41 5.83
C18 78M I . -7.62 -6.36 4.82
O19 78M I . -7.13 -6.99 3.64
C17 78M I . -6.59 -5.40 5.34
O2 78M I . -6.93 -5.10 6.71
C1 78M I . -7.44 -3.88 6.93
O1 78M I . -7.69 -3.10 6.06
C2 78M I . -7.63 -3.64 8.39
C3 78M I . -6.86 -2.43 8.89
C4 78M I . -7.60 -1.11 8.73
C5 78M I . -6.68 0.05 8.37
C6 78M I . -7.23 1.44 8.66
C7 78M I . -6.52 2.07 9.82
C8 78M I . -5.79 3.17 9.80
C9 78M I . -5.52 4.05 8.62
C10 78M I . -5.37 5.50 9.05
C11 78M I . -6.52 5.97 9.94
C12 78M I . -6.20 7.19 10.76
C13 78M I . -7.04 7.35 12.00
C15 78M I . -6.14 9.66 12.25
C14 78M I . -6.49 8.39 12.96
O21 78M J . -18.84 -1.52 -10.31
C20 78M J . -19.49 -1.05 -11.48
C18 78M J . -18.48 -0.68 -12.54
O19 78M J . -18.99 -1.00 -13.83
C17 78M J . -17.15 -1.35 -12.30
O2 78M J . -16.29 -0.24 -11.94
C1 78M J . -15.60 0.31 -12.93
O1 78M J . -15.72 0.01 -14.09
C2 78M J . -14.63 1.34 -12.42
C3 78M J . -14.03 2.19 -13.53
C4 78M J . -12.99 1.45 -14.33
C5 78M J . -11.65 2.15 -14.26
C6 78M J . -11.32 2.62 -12.86
C7 78M J . -9.90 3.05 -12.75
C8 78M J . -9.48 4.24 -12.37
C9 78M J . -10.34 5.40 -11.99
C10 78M J . -10.50 5.54 -10.49
C11 78M J . -10.50 6.98 -10.01
C12 78M J . -11.85 7.68 -10.10
C13 78M J . -12.94 7.00 -9.29
C15 78M J . -15.39 6.88 -8.73
C14 78M J . -14.29 7.69 -9.37
O21 78M K . 16.60 12.33 18.32
C20 78M K . 15.26 12.08 18.72
C18 78M K . 14.33 12.11 17.52
O19 78M K . 12.99 11.83 17.93
C17 78M K . 14.74 11.13 16.47
O2 78M K . 14.07 9.88 16.76
C1 78M K . 13.94 9.05 15.72
O1 78M K . 14.30 9.31 14.61
C2 78M K . 13.33 7.73 16.13
C3 78M K . 12.08 7.86 16.95
C4 78M K . 11.64 6.53 17.56
C5 78M K . 11.28 5.45 16.54
C6 78M K . 10.47 4.32 17.16
C7 78M K . 9.77 3.48 16.15
C8 78M K . 10.28 2.41 15.57
C9 78M K . 11.65 1.86 15.83
C10 78M K . 11.93 0.64 14.97
C11 78M K . 13.41 0.32 14.86
C12 78M K . 13.71 -0.75 13.83
C13 78M K . 15.12 -0.65 13.27
C15 78M K . 16.81 0.82 12.08
C14 78M K . 15.44 0.73 12.69
O21 78M L . 20.94 15.32 5.90
C20 78M L . 22.31 15.22 5.54
C18 78M L . 22.52 14.07 4.59
O19 78M L . 22.85 14.53 3.27
C17 78M L . 21.32 13.16 4.52
O2 78M L . 21.03 12.75 3.16
C1 78M L . 21.49 11.57 2.74
O1 78M L . 22.54 11.09 3.07
C2 78M L . 20.46 10.87 1.89
C3 78M L . 20.93 9.63 1.16
C4 78M L . 19.75 8.74 0.83
C5 78M L . 19.85 7.95 -0.46
C6 78M L . 19.90 8.81 -1.70
C7 78M L . 18.73 8.54 -2.60
C8 78M L . 18.72 7.68 -3.59
C9 78M L . 19.86 6.81 -3.98
C10 78M L . 19.69 6.29 -5.40
C11 78M L . 18.34 5.62 -5.63
C12 78M L . 18.10 5.22 -7.08
C13 78M L . 18.26 3.74 -7.38
C15 78M L . 17.25 1.75 -8.55
C14 78M L . 17.06 3.19 -8.12
O21 78M M . -3.28 -1.75 -19.35
C20 78M M . -3.30 -0.35 -19.10
C18 78M M . -4.08 -0.02 -17.86
O19 78M M . -5.37 -0.62 -17.93
C17 78M M . -4.22 1.47 -17.68
O2 78M M . -3.81 1.88 -16.35
C1 78M M . -2.73 2.66 -16.27
O1 78M M . -1.85 2.68 -17.10
C2 78M M . -2.78 3.55 -15.07
C3 78M M . -1.41 3.86 -14.48
C4 78M M . -0.71 5.01 -15.15
C5 78M M . 0.27 5.72 -14.22
C6 78M M . 1.66 5.95 -14.83
C7 78M M . 2.48 4.69 -15.00
C8 78M M . 3.67 4.50 -14.47
C9 78M M . 4.38 5.49 -13.61
C10 78M M . 5.59 5.00 -12.83
C11 78M M . 6.21 6.14 -12.03
C12 78M M . 6.29 7.40 -12.86
C13 78M M . 5.94 8.68 -12.13
C15 78M M . 5.47 11.14 -12.45
C14 78M M . 5.53 9.79 -13.09
O21 78M N . 10.63 -8.40 -13.32
C20 78M N . 11.12 -7.38 -12.44
C18 78M N . 10.37 -6.08 -12.65
O19 78M N . 8.97 -6.34 -12.78
C17 78M N . 10.88 -5.26 -13.82
O2 78M N . 11.87 -4.37 -13.26
C1 78M N . 11.43 -3.26 -12.66
O1 78M N . 10.27 -2.97 -12.58
C2 78M N . 12.55 -2.43 -12.10
C3 78M N . 12.57 -2.42 -10.57
C4 78M N . 13.54 -1.38 -9.99
C5 78M N . 14.53 -1.90 -8.95
C6 78M N . 14.15 -1.60 -7.49
C7 78M N . 13.75 -0.16 -7.28
C8 78M N . 14.31 0.76 -6.49
C9 78M N . 15.47 0.61 -5.57
C10 78M N . 15.25 1.35 -4.24
C11 78M N . 15.86 2.75 -4.15
C12 78M N . 15.00 3.77 -3.40
C13 78M N . 15.59 5.16 -3.32
C15 78M N . 14.74 5.71 -5.64
C14 78M N . 14.91 6.18 -4.22
#